data_6K4C
#
_entry.id   6K4C
#
_cell.length_a   48.310
_cell.length_b   123.360
_cell.length_c   177.390
_cell.angle_alpha   90.00
_cell.angle_beta   90.00
_cell.angle_gamma   90.00
#
_symmetry.space_group_name_H-M   'C 2 2 21'
#
loop_
_entity.id
_entity.type
_entity.pdbx_description
1 polymer 'Ancestral luciferase AncLamp'
2 non-polymer "5'-O-[N-(DEHYDROLUCIFERYL)-SULFAMOYL] ADENOSINE"
3 non-polymer 'MAGNESIUM ION'
4 water water
#
_entity_poly.entity_id   1
_entity_poly.type   'polypeptide(L)'
_entity_poly.pdbx_seq_one_letter_code
;MEDKNIVYGPEPFYPLEDGTAGEQLYKALKKYAQLPGTIALTDAHTEENISYAELLELTCRLAESLKNYGLKQNNTIAVC
SENNLQFFIPVIAALYIGVAVAPVNDKYTERELINSLNISKPTIIFCSKKTLQKILQVKKKLSYIKKIIILDSKEDIGGY
QCLNNFISQHSDANFNVSNFKPNSFDRDEQVALIMNSSGTTGLPKGVMLTHKNLVVRFSHCRDPIFGNQIIPGTAILTVI
PFHHGFGMFTTLGYFTCGFRIVLMHRFEEELFLKSLQDYKVQSTLLVPTLMAFFAKSPLVDKYDLSNLKEIASGGAPLSK
EVGEAVAKRFKLPGIRQGYGLTETTSAIIITPEGDVKPGSTGKVVPFFSAKVVDLDTGKTLGPNQRGELCFKGDMIMKGY
VNNPEATKEIIDKDGWLHSGDIGYYDEDGHFFIVDRLKSLIKYKGYQVAPAELESILLQHPSIIDAGVTGIPDEDAGELP
AACVVLQPGKHLTEKEVIDYVASQVSSAKRLRGGVRFVDEIPKGSTGKIDRKALRQILQKQKSKL
;
_entity_poly.pdbx_strand_id   A
#
# COMPACT_ATOMS: atom_id res chain seq x y z
N GLU A 2 -27.81 15.74 2.91
CA GLU A 2 -28.23 15.10 1.67
C GLU A 2 -27.14 15.20 0.61
N ASP A 3 -27.54 15.47 -0.62
CA ASP A 3 -26.60 15.59 -1.73
C ASP A 3 -25.56 16.69 -1.48
N LYS A 4 -25.97 17.81 -0.89
CA LYS A 4 -25.05 18.91 -0.66
C LYS A 4 -23.83 18.49 0.15
N ASN A 5 -23.96 17.50 1.03
CA ASN A 5 -22.83 17.11 1.87
C ASN A 5 -21.98 16.01 1.26
N ILE A 6 -22.35 15.46 0.11
CA ILE A 6 -21.52 14.46 -0.55
C ILE A 6 -20.45 15.20 -1.34
N VAL A 7 -19.21 14.71 -1.30
CA VAL A 7 -18.09 15.33 -1.99
C VAL A 7 -17.74 14.45 -3.18
N TYR A 8 -17.70 15.04 -4.37
CA TYR A 8 -17.40 14.26 -5.56
C TYR A 8 -16.05 14.64 -6.16
N GLY A 9 -15.38 13.65 -6.72
CA GLY A 9 -14.10 13.87 -7.36
C GLY A 9 -14.34 14.54 -8.70
N PRO A 10 -13.36 15.26 -9.21
CA PRO A 10 -13.54 15.96 -10.49
C PRO A 10 -13.48 14.97 -11.65
N GLU A 11 -13.73 15.49 -12.85
CA GLU A 11 -13.60 14.68 -14.03
C GLU A 11 -12.13 14.35 -14.24
N PRO A 12 -11.81 13.18 -14.79
CA PRO A 12 -10.41 12.88 -15.10
C PRO A 12 -9.94 13.83 -16.19
N PHE A 13 -8.67 14.19 -16.17
CA PHE A 13 -8.09 15.07 -17.15
C PHE A 13 -8.42 14.56 -18.56
N TYR A 14 -8.30 13.25 -18.82
CA TYR A 14 -8.66 12.65 -20.09
C TYR A 14 -9.51 11.42 -19.80
N PRO A 15 -10.33 10.98 -20.75
CA PRO A 15 -11.22 9.84 -20.48
C PRO A 15 -10.46 8.56 -20.20
N LEU A 16 -11.20 7.59 -19.66
CA LEU A 16 -10.64 6.30 -19.30
C LEU A 16 -10.23 5.53 -20.55
N GLU A 17 -9.01 5.03 -20.56
CA GLU A 17 -8.50 4.25 -21.68
C GLU A 17 -9.24 2.91 -21.77
N ASP A 18 -9.50 2.48 -23.00
CA ASP A 18 -10.17 1.22 -23.22
C ASP A 18 -9.22 0.05 -22.95
N GLY A 19 -9.79 -1.11 -22.70
CA GLY A 19 -9.02 -2.33 -22.55
C GLY A 19 -8.92 -2.79 -21.11
N THR A 20 -8.40 -4.00 -20.98
CA THR A 20 -8.17 -4.66 -19.71
C THR A 20 -6.88 -4.13 -19.08
N ALA A 21 -6.67 -4.47 -17.81
CA ALA A 21 -5.42 -4.07 -17.14
C ALA A 21 -4.23 -4.68 -17.86
N GLY A 22 -4.38 -5.92 -18.33
CA GLY A 22 -3.30 -6.58 -19.06
C GLY A 22 -2.99 -5.89 -20.37
N GLU A 23 -4.02 -5.40 -21.06
CA GLU A 23 -3.81 -4.72 -22.33
C GLU A 23 -3.10 -3.38 -22.12
N GLN A 24 -3.49 -2.64 -21.08
CA GLN A 24 -2.86 -1.35 -20.82
C GLN A 24 -1.41 -1.55 -20.37
N LEU A 25 -1.16 -2.61 -19.57
CA LEU A 25 0.19 -2.89 -19.14
C LEU A 25 1.05 -3.32 -20.33
N TYR A 26 0.48 -4.14 -21.21
CA TYR A 26 1.22 -4.58 -22.40
C TYR A 26 1.59 -3.39 -23.27
N LYS A 27 0.62 -2.52 -23.55
CA LYS A 27 0.91 -1.35 -24.37
C LYS A 27 1.98 -0.47 -23.73
N ALA A 28 1.95 -0.33 -22.40
CA ALA A 28 2.95 0.51 -21.74
C ALA A 28 4.34 -0.12 -21.84
N LEU A 29 4.45 -1.41 -21.52
CA LEU A 29 5.75 -2.07 -21.59
C LEU A 29 6.30 -2.02 -23.01
N LYS A 30 5.47 -2.29 -24.01
CA LYS A 30 5.91 -2.23 -25.39
C LYS A 30 6.41 -0.83 -25.74
N LYS A 31 5.61 0.18 -25.36
CA LYS A 31 5.94 1.56 -25.64
C LYS A 31 7.30 1.95 -25.10
N TYR A 32 7.52 1.76 -23.80
CA TYR A 32 8.81 2.15 -23.24
C TYR A 32 9.92 1.21 -23.70
N ALA A 33 9.57 -0.04 -24.00
CA ALA A 33 10.55 -0.98 -24.51
C ALA A 33 11.10 -0.54 -25.85
N GLN A 34 10.36 0.32 -26.57
CA GLN A 34 10.82 0.80 -27.85
C GLN A 34 11.87 1.92 -27.73
N LEU A 35 12.10 2.43 -26.53
CA LEU A 35 13.13 3.45 -26.29
C LEU A 35 14.36 2.72 -25.75
N PRO A 36 15.55 2.95 -26.31
CA PRO A 36 16.73 2.22 -25.85
C PRO A 36 17.13 2.54 -24.41
N GLY A 37 17.63 1.51 -23.72
CA GLY A 37 18.14 1.63 -22.37
C GLY A 37 17.13 1.83 -21.27
N THR A 38 15.83 1.78 -21.55
CA THR A 38 14.84 1.99 -20.50
C THR A 38 14.82 0.81 -19.55
N ILE A 39 14.90 1.11 -18.25
CA ILE A 39 14.93 0.09 -17.20
C ILE A 39 13.64 0.17 -16.37
N ALA A 40 13.04 -0.99 -16.12
CA ALA A 40 11.78 -1.11 -15.38
C ALA A 40 11.97 -1.37 -13.90
N LEU A 41 12.83 -2.33 -13.56
CA LEU A 41 13.02 -2.73 -12.17
C LEU A 41 14.50 -2.74 -11.83
N THR A 42 14.82 -2.30 -10.62
CA THR A 42 16.18 -2.25 -10.14
C THR A 42 16.20 -2.61 -8.65
N ASP A 43 16.95 -3.66 -8.33
CA ASP A 43 17.08 -4.13 -6.95
C ASP A 43 18.18 -3.31 -6.29
N ALA A 44 17.81 -2.51 -5.29
CA ALA A 44 18.79 -1.67 -4.62
C ALA A 44 19.86 -2.49 -3.91
N HIS A 45 19.48 -3.64 -3.37
CA HIS A 45 20.45 -4.47 -2.65
C HIS A 45 21.48 -5.08 -3.59
N THR A 46 21.05 -5.61 -4.74
CA THR A 46 21.95 -6.27 -5.68
C THR A 46 22.37 -5.39 -6.84
N GLU A 47 21.66 -4.30 -7.09
CA GLU A 47 21.91 -3.41 -8.22
C GLU A 47 21.63 -4.09 -9.55
N GLU A 48 20.90 -5.21 -9.53
CA GLU A 48 20.51 -5.89 -10.75
C GLU A 48 19.31 -5.17 -11.37
N ASN A 49 19.21 -5.23 -12.69
CA ASN A 49 18.10 -4.57 -13.34
C ASN A 49 17.43 -5.40 -14.43
N ILE A 50 16.16 -5.07 -14.65
CA ILE A 50 15.33 -5.69 -15.68
C ILE A 50 14.85 -4.55 -16.55
N SER A 51 15.24 -4.56 -17.82
CA SER A 51 14.85 -3.50 -18.75
C SER A 51 13.38 -3.66 -19.13
N TYR A 52 12.79 -2.62 -19.74
CA TYR A 52 11.40 -2.77 -20.15
C TYR A 52 11.30 -3.84 -21.21
N ALA A 53 12.27 -3.90 -22.12
CA ALA A 53 12.25 -4.91 -23.18
C ALA A 53 12.28 -6.30 -22.56
N GLU A 54 13.15 -6.50 -21.56
CA GLU A 54 13.23 -7.80 -20.89
C GLU A 54 11.90 -8.12 -20.20
N LEU A 55 11.34 -7.17 -19.46
CA LEU A 55 10.09 -7.41 -18.76
C LEU A 55 8.97 -7.75 -19.74
N LEU A 56 8.95 -7.10 -20.89
CA LEU A 56 7.93 -7.41 -21.90
C LEU A 56 8.12 -8.83 -22.40
N GLU A 57 9.38 -9.20 -22.69
CA GLU A 57 9.68 -10.55 -23.17
C GLU A 57 9.25 -11.60 -22.15
N LEU A 58 9.61 -11.41 -20.88
CA LEU A 58 9.33 -12.40 -19.85
C LEU A 58 7.85 -12.47 -19.52
N THR A 59 7.15 -11.34 -19.47
CA THR A 59 5.73 -11.38 -19.16
C THR A 59 4.95 -12.01 -20.31
N CYS A 60 5.33 -11.71 -21.55
CA CYS A 60 4.63 -12.29 -22.69
C CYS A 60 4.93 -13.78 -22.82
N ARG A 61 6.19 -14.15 -22.58
CA ARG A 61 6.57 -15.56 -22.68
C ARG A 61 5.96 -16.36 -21.55
N LEU A 62 5.82 -15.74 -20.37
CA LEU A 62 5.22 -16.45 -19.26
C LEU A 62 3.72 -16.60 -19.50
N ALA A 63 3.09 -15.57 -20.07
CA ALA A 63 1.66 -15.68 -20.37
C ALA A 63 1.43 -16.82 -21.35
N GLU A 64 2.36 -16.99 -22.30
CA GLU A 64 2.20 -18.07 -23.27
C GLU A 64 2.47 -19.42 -22.62
N SER A 65 3.47 -19.48 -21.74
CA SER A 65 3.78 -20.72 -21.04
C SER A 65 2.59 -21.14 -20.17
N LEU A 66 1.94 -20.17 -19.53
CA LEU A 66 0.80 -20.47 -18.68
C LEU A 66 -0.38 -20.93 -19.51
N LYS A 67 -0.57 -20.35 -20.70
CA LYS A 67 -1.65 -20.81 -21.55
C LYS A 67 -1.38 -22.23 -22.05
N ASN A 68 -0.13 -22.52 -22.42
CA ASN A 68 0.20 -23.87 -22.88
C ASN A 68 0.08 -24.89 -21.76
N TYR A 69 0.43 -24.48 -20.55
CA TYR A 69 0.31 -25.34 -19.38
C TYR A 69 -1.15 -25.77 -19.23
N GLY A 70 -2.08 -24.85 -19.45
CA GLY A 70 -3.49 -25.18 -19.33
C GLY A 70 -4.35 -24.16 -18.62
N LEU A 71 -3.74 -23.16 -18.00
CA LEU A 71 -4.55 -22.17 -17.31
C LEU A 71 -5.51 -21.50 -18.29
N LYS A 72 -6.70 -21.29 -17.85
CA LYS A 72 -7.80 -20.69 -18.59
C LYS A 72 -8.19 -19.38 -17.93
N GLN A 73 -9.11 -18.63 -18.53
CA GLN A 73 -9.59 -17.40 -17.92
C GLN A 73 -10.33 -17.71 -16.62
N ASN A 74 -10.07 -16.89 -15.62
CA ASN A 74 -10.64 -16.96 -14.28
C ASN A 74 -10.01 -18.05 -13.43
N ASN A 75 -8.85 -18.57 -13.83
CA ASN A 75 -8.13 -19.51 -12.99
C ASN A 75 -7.43 -18.61 -11.96
N THR A 76 -6.74 -19.19 -10.97
CA THR A 76 -6.06 -18.40 -9.97
C THR A 76 -4.64 -18.91 -9.73
N ILE A 77 -3.73 -17.96 -9.57
CA ILE A 77 -2.35 -18.23 -9.20
C ILE A 77 -2.09 -17.41 -7.94
N ALA A 78 -1.00 -17.72 -7.25
CA ALA A 78 -0.62 -17.00 -6.05
C ALA A 78 0.84 -16.62 -6.13
N VAL A 79 1.20 -15.52 -5.49
CA VAL A 79 2.60 -15.09 -5.46
C VAL A 79 3.01 -14.87 -4.01
N CYS A 80 3.98 -15.64 -3.54
CA CYS A 80 4.48 -15.55 -2.17
C CYS A 80 5.97 -15.22 -2.26
N SER A 81 6.30 -13.93 -2.24
CA SER A 81 7.70 -13.54 -2.38
C SER A 81 7.94 -12.14 -1.85
N GLU A 82 9.12 -11.95 -1.27
CA GLU A 82 9.55 -10.63 -0.86
C GLU A 82 9.70 -9.75 -2.10
N ASN A 83 9.86 -8.45 -1.90
CA ASN A 83 10.03 -7.56 -3.04
C ASN A 83 11.30 -7.90 -3.80
N ASN A 84 11.17 -8.19 -5.09
CA ASN A 84 12.32 -8.48 -5.94
C ASN A 84 11.96 -8.17 -7.38
N LEU A 85 12.94 -8.34 -8.27
CA LEU A 85 12.76 -8.03 -9.69
C LEU A 85 11.74 -8.92 -10.38
N GLN A 86 11.58 -10.17 -9.94
CA GLN A 86 10.70 -11.12 -10.62
C GLN A 86 9.27 -11.15 -10.12
N PHE A 87 9.03 -10.53 -9.01
CA PHE A 87 7.71 -10.51 -8.41
C PHE A 87 6.60 -10.20 -9.43
N PHE A 88 6.77 -9.15 -10.19
CA PHE A 88 5.69 -8.72 -11.07
C PHE A 88 5.63 -9.46 -12.40
N ILE A 89 6.57 -10.37 -12.69
CA ILE A 89 6.49 -11.13 -13.93
C ILE A 89 5.22 -11.98 -13.96
N PRO A 90 4.94 -12.82 -12.95
CA PRO A 90 3.70 -13.60 -12.99
C PRO A 90 2.45 -12.73 -12.82
N VAL A 91 2.55 -11.60 -12.12
CA VAL A 91 1.38 -10.74 -11.97
C VAL A 91 0.94 -10.23 -13.33
N ILE A 92 1.88 -9.66 -14.09
CA ILE A 92 1.55 -9.10 -15.39
C ILE A 92 1.19 -10.21 -16.37
N ALA A 93 1.93 -11.31 -16.33
CA ALA A 93 1.63 -12.43 -17.23
C ALA A 93 0.21 -12.94 -17.00
N ALA A 94 -0.20 -13.03 -15.72
CA ALA A 94 -1.54 -13.51 -15.42
C ALA A 94 -2.59 -12.50 -15.87
N LEU A 95 -2.31 -11.20 -15.70
CA LEU A 95 -3.30 -10.22 -16.14
C LEU A 95 -3.46 -10.24 -17.65
N TYR A 96 -2.42 -10.64 -18.38
CA TYR A 96 -2.53 -10.74 -19.84
C TYR A 96 -3.61 -11.74 -20.28
N ILE A 97 -3.81 -12.81 -19.52
CA ILE A 97 -4.69 -13.90 -19.91
C ILE A 97 -5.89 -14.08 -18.97
N GLY A 98 -6.20 -13.09 -18.15
CA GLY A 98 -7.35 -13.19 -17.28
C GLY A 98 -7.21 -14.13 -16.12
N VAL A 99 -6.03 -14.44 -15.72
CA VAL A 99 -5.81 -15.28 -14.56
C VAL A 99 -5.78 -14.35 -13.36
N ALA A 100 -6.42 -14.77 -12.27
CA ALA A 100 -6.45 -13.95 -11.08
C ALA A 100 -5.17 -14.18 -10.28
N VAL A 101 -4.66 -13.12 -9.69
CA VAL A 101 -3.42 -13.17 -8.93
C VAL A 101 -3.74 -12.98 -7.46
N ALA A 102 -3.18 -13.85 -6.63
CA ALA A 102 -3.38 -13.84 -5.18
C ALA A 102 -2.04 -13.62 -4.49
N PRO A 103 -1.63 -12.36 -4.29
CA PRO A 103 -0.38 -12.11 -3.57
C PRO A 103 -0.59 -12.56 -2.13
N VAL A 104 0.44 -13.16 -1.54
CA VAL A 104 0.35 -13.60 -0.16
C VAL A 104 1.61 -13.20 0.57
N ASN A 105 1.43 -12.53 1.71
CA ASN A 105 2.53 -12.06 2.53
C ASN A 105 3.58 -13.14 2.73
N ASP A 106 4.82 -12.83 2.32
CA ASP A 106 5.91 -13.79 2.45
C ASP A 106 6.28 -14.04 3.91
N LYS A 107 5.84 -13.18 4.83
CA LYS A 107 6.15 -13.33 6.24
C LYS A 107 5.05 -14.05 7.00
N TYR A 108 4.07 -14.63 6.29
CA TYR A 108 2.98 -15.34 6.94
C TYR A 108 3.44 -16.64 7.60
N THR A 109 2.88 -16.90 8.78
CA THR A 109 3.08 -18.18 9.43
C THR A 109 2.32 -19.24 8.63
N GLU A 110 2.63 -20.50 8.89
CA GLU A 110 1.96 -21.56 8.13
C GLU A 110 0.45 -21.50 8.28
N ARG A 111 -0.06 -21.17 9.48
CA ARG A 111 -1.50 -21.12 9.67
C ARG A 111 -2.11 -20.02 8.80
N GLU A 112 -1.51 -18.82 8.84
CA GLU A 112 -1.99 -17.69 8.04
C GLU A 112 -1.92 -18.01 6.56
N LEU A 113 -0.82 -18.62 6.13
CA LEU A 113 -0.64 -18.99 4.74
C LEU A 113 -1.73 -19.95 4.32
N ILE A 114 -2.04 -20.92 5.18
CA ILE A 114 -3.07 -21.90 4.88
C ILE A 114 -4.43 -21.23 4.72
N ASN A 115 -4.80 -20.35 5.65
CA ASN A 115 -6.11 -19.71 5.54
C ASN A 115 -6.22 -18.85 4.27
N SER A 116 -5.16 -18.12 3.95
CA SER A 116 -5.21 -17.27 2.76
C SER A 116 -5.33 -18.12 1.49
N LEU A 117 -4.56 -19.20 1.42
CA LEU A 117 -4.62 -20.05 0.26
C LEU A 117 -5.95 -20.79 0.20
N ASN A 118 -6.54 -21.07 1.36
CA ASN A 118 -7.84 -21.72 1.40
C ASN A 118 -8.90 -20.79 0.83
N ILE A 119 -8.67 -19.48 0.92
CA ILE A 119 -9.64 -18.54 0.34
C ILE A 119 -9.44 -18.44 -1.15
N SER A 120 -8.20 -18.15 -1.60
CA SER A 120 -7.98 -17.98 -3.04
C SER A 120 -7.93 -19.30 -3.80
N LYS A 121 -7.48 -20.38 -3.17
CA LYS A 121 -7.37 -21.69 -3.81
C LYS A 121 -6.65 -21.60 -5.16
N PRO A 122 -5.38 -21.20 -5.15
CA PRO A 122 -4.63 -21.08 -6.41
C PRO A 122 -4.14 -22.42 -6.94
N THR A 123 -3.97 -22.47 -8.27
CA THR A 123 -3.47 -23.67 -8.92
C THR A 123 -1.95 -23.67 -9.00
N ILE A 124 -1.34 -22.48 -9.14
CA ILE A 124 0.10 -22.33 -9.22
C ILE A 124 0.52 -21.28 -8.19
N ILE A 125 1.58 -21.58 -7.45
CA ILE A 125 2.16 -20.63 -6.50
C ILE A 125 3.57 -20.29 -6.97
N PHE A 126 3.80 -19.02 -7.30
CA PHE A 126 5.13 -18.56 -7.63
C PHE A 126 5.76 -18.11 -6.31
N CYS A 127 6.86 -18.74 -5.92
CA CYS A 127 7.52 -18.38 -4.68
C CYS A 127 8.97 -17.98 -4.95
N SER A 128 9.65 -17.61 -3.88
CA SER A 128 11.06 -17.26 -3.90
C SER A 128 11.85 -18.32 -3.16
N LYS A 129 13.18 -18.26 -3.28
CA LYS A 129 14.02 -19.23 -2.58
C LYS A 129 13.76 -19.15 -1.08
N LYS A 130 13.58 -17.94 -0.55
CA LYS A 130 13.36 -17.74 0.88
C LYS A 130 12.03 -18.32 1.36
N THR A 131 10.99 -18.32 0.52
CA THR A 131 9.69 -18.83 0.92
C THR A 131 9.40 -20.23 0.38
N LEU A 132 10.30 -20.80 -0.40
CA LEU A 132 10.11 -22.14 -0.96
C LEU A 132 9.75 -23.16 0.12
N GLN A 133 10.53 -23.20 1.19
CA GLN A 133 10.34 -24.23 2.22
C GLN A 133 9.00 -24.13 2.92
N LYS A 134 8.57 -22.93 3.32
CA LYS A 134 7.29 -22.83 4.01
C LYS A 134 6.13 -23.15 3.06
N ILE A 135 6.29 -22.85 1.78
CA ILE A 135 5.27 -23.21 0.81
C ILE A 135 5.22 -24.72 0.69
N LEU A 136 6.39 -25.36 0.64
CA LEU A 136 6.43 -26.82 0.56
C LEU A 136 5.72 -27.43 1.75
N GLN A 137 5.93 -26.85 2.93
CA GLN A 137 5.29 -27.36 4.14
C GLN A 137 3.78 -27.25 4.05
N VAL A 138 3.26 -26.10 3.64
CA VAL A 138 1.80 -25.93 3.63
C VAL A 138 1.14 -26.75 2.51
N LYS A 139 1.80 -26.82 1.35
CA LYS A 139 1.26 -27.55 0.22
C LYS A 139 0.90 -29.00 0.53
N LYS A 140 1.60 -29.60 1.49
CA LYS A 140 1.36 -30.98 1.87
C LYS A 140 -0.09 -31.19 2.30
N LYS A 141 -0.71 -30.15 2.83
CA LYS A 141 -2.08 -30.16 3.33
C LYS A 141 -3.10 -29.66 2.31
N LEU A 142 -2.67 -29.10 1.22
CA LEU A 142 -3.55 -28.48 0.23
C LEU A 142 -3.58 -29.10 -1.16
N SER A 143 -4.65 -29.81 -1.41
CA SER A 143 -4.83 -30.57 -2.65
C SER A 143 -4.88 -29.71 -3.90
N TYR A 144 -5.47 -28.52 -3.79
CA TYR A 144 -5.66 -27.61 -4.93
C TYR A 144 -4.40 -27.05 -5.59
N ILE A 145 -3.28 -27.10 -4.88
CA ILE A 145 -2.02 -26.57 -5.41
C ILE A 145 -1.44 -27.63 -6.33
N LYS A 146 -1.30 -27.30 -7.63
CA LYS A 146 -0.79 -28.25 -8.60
C LYS A 146 0.62 -27.96 -9.09
N LYS A 147 1.20 -26.80 -8.75
CA LYS A 147 2.50 -26.43 -9.29
C LYS A 147 3.15 -25.32 -8.48
N ILE A 148 4.46 -25.46 -8.29
CA ILE A 148 5.29 -24.48 -7.58
C ILE A 148 6.41 -24.06 -8.52
N ILE A 149 6.54 -22.75 -8.73
CA ILE A 149 7.60 -22.18 -9.56
C ILE A 149 8.44 -21.24 -8.72
N ILE A 150 9.76 -21.34 -8.88
CA ILE A 150 10.72 -20.52 -8.13
C ILE A 150 11.09 -19.32 -9.00
N LEU A 151 10.83 -18.12 -8.49
CA LEU A 151 11.03 -16.88 -9.25
C LEU A 151 12.48 -16.42 -9.32
N ASP A 152 13.25 -16.50 -8.24
CA ASP A 152 14.60 -15.92 -8.23
C ASP A 152 15.73 -16.95 -8.21
N SER A 153 15.53 -18.11 -8.81
CA SER A 153 16.58 -19.10 -8.95
C SER A 153 16.74 -19.42 -10.43
N LYS A 154 17.97 -19.59 -10.89
CA LYS A 154 18.19 -19.94 -12.28
C LYS A 154 18.29 -21.43 -12.50
N GLU A 155 18.22 -22.23 -11.42
CA GLU A 155 18.25 -23.67 -11.49
C GLU A 155 17.12 -24.25 -10.65
N ASP A 156 16.68 -25.46 -11.00
CA ASP A 156 15.66 -26.15 -10.24
C ASP A 156 16.21 -26.53 -8.87
N ILE A 157 15.34 -26.61 -7.87
CA ILE A 157 15.74 -26.96 -6.50
C ILE A 157 14.91 -28.12 -5.97
N GLY A 158 15.59 -29.21 -5.62
CA GLY A 158 14.95 -30.36 -4.98
C GLY A 158 13.71 -30.88 -5.66
N GLY A 159 13.68 -30.84 -6.98
CA GLY A 159 12.54 -31.34 -7.72
C GLY A 159 11.44 -30.33 -7.97
N TYR A 160 11.67 -29.06 -7.67
CA TYR A 160 10.75 -28.00 -7.95
C TYR A 160 11.40 -27.03 -9.01
N GLN A 161 10.63 -26.63 -10.03
CA GLN A 161 11.12 -25.90 -11.18
C GLN A 161 11.20 -24.40 -10.98
N CYS A 162 12.18 -23.81 -11.65
CA CYS A 162 12.43 -22.37 -11.62
C CYS A 162 11.70 -21.72 -12.79
N LEU A 163 11.57 -20.39 -12.70
CA LEU A 163 10.80 -19.65 -13.70
C LEU A 163 11.35 -19.85 -15.11
N ASN A 164 12.66 -19.65 -15.30
CA ASN A 164 13.24 -19.79 -16.63
C ASN A 164 12.98 -21.17 -17.22
N ASN A 165 13.13 -22.24 -16.43
CA ASN A 165 12.92 -23.57 -16.97
C ASN A 165 11.45 -23.85 -17.24
N PHE A 166 10.55 -23.24 -16.46
CA PHE A 166 9.12 -23.40 -16.74
C PHE A 166 8.78 -22.75 -18.07
N ILE A 167 9.26 -21.52 -18.28
CA ILE A 167 9.01 -20.82 -19.53
C ILE A 167 9.59 -21.60 -20.70
N SER A 168 10.83 -22.07 -20.55
CA SER A 168 11.47 -22.83 -21.62
C SER A 168 10.70 -24.12 -21.91
N GLN A 169 10.14 -24.75 -20.88
CA GLN A 169 9.40 -25.99 -21.06
C GLN A 169 8.06 -25.77 -21.77
N HIS A 170 7.36 -24.69 -21.45
CA HIS A 170 6.01 -24.49 -21.96
C HIS A 170 5.88 -23.46 -23.06
N SER A 171 6.99 -22.92 -23.56
CA SER A 171 6.92 -21.98 -24.67
C SER A 171 8.08 -22.27 -25.60
N ASP A 172 7.85 -22.09 -26.89
CA ASP A 172 8.86 -22.38 -27.88
C ASP A 172 9.88 -21.25 -27.94
N ALA A 173 11.17 -21.60 -27.93
CA ALA A 173 12.18 -20.58 -28.08
C ALA A 173 12.00 -19.96 -29.45
N ASN A 174 12.51 -18.74 -29.61
CA ASN A 174 12.38 -17.97 -30.85
C ASN A 174 10.97 -17.39 -30.95
N PHE A 175 10.16 -17.59 -29.94
CA PHE A 175 8.83 -16.99 -29.80
C PHE A 175 8.89 -15.47 -30.09
N ASN A 176 8.17 -15.02 -31.12
CA ASN A 176 8.14 -13.61 -31.49
C ASN A 176 7.27 -12.83 -30.50
N VAL A 177 7.91 -11.94 -29.74
CA VAL A 177 7.18 -11.17 -28.74
C VAL A 177 6.35 -10.05 -29.37
N SER A 178 6.78 -9.65 -30.54
CA SER A 178 6.16 -8.61 -31.30
C SER A 178 4.71 -8.95 -31.64
N ASN A 179 4.50 -10.20 -32.03
CA ASN A 179 3.19 -10.74 -32.36
C ASN A 179 2.29 -11.18 -31.18
N PHE A 180 2.83 -11.13 -29.96
CA PHE A 180 2.03 -11.52 -28.80
C PHE A 180 0.98 -10.47 -28.49
N LYS A 181 -0.23 -10.97 -28.31
CA LYS A 181 -1.32 -10.15 -27.92
C LYS A 181 -2.04 -10.67 -26.66
N PRO A 182 -2.32 -9.78 -25.72
CA PRO A 182 -3.05 -10.27 -24.55
C PRO A 182 -4.54 -10.43 -24.86
N ASN A 183 -5.20 -11.20 -23.99
CA ASN A 183 -6.63 -11.46 -24.16
C ASN A 183 -7.49 -10.24 -23.85
N SER A 184 -8.63 -10.16 -24.52
CA SER A 184 -9.65 -9.14 -24.30
C SER A 184 -10.86 -9.81 -23.65
N PHE A 185 -11.23 -9.38 -22.48
CA PHE A 185 -12.37 -9.93 -21.76
C PHE A 185 -13.16 -8.79 -21.03
N ASP A 186 -14.27 -9.13 -20.40
CA ASP A 186 -15.05 -8.15 -19.65
C ASP A 186 -14.28 -7.69 -18.41
N ARG A 187 -13.75 -6.47 -18.45
CA ARG A 187 -12.98 -5.92 -17.35
C ARG A 187 -13.84 -5.61 -16.12
N ASP A 188 -15.14 -5.43 -16.31
CA ASP A 188 -16.02 -5.10 -15.18
C ASP A 188 -16.33 -6.32 -14.33
N GLU A 189 -16.26 -7.52 -14.90
CA GLU A 189 -16.60 -8.75 -14.22
C GLU A 189 -15.39 -9.61 -13.86
N GLN A 190 -14.34 -9.62 -14.68
CA GLN A 190 -13.18 -10.47 -14.45
C GLN A 190 -12.28 -9.94 -13.35
N VAL A 191 -12.11 -10.76 -12.29
CA VAL A 191 -11.23 -10.42 -11.19
C VAL A 191 -9.78 -10.42 -11.66
N ALA A 192 -9.03 -9.39 -11.26
CA ALA A 192 -7.61 -9.26 -11.55
C ALA A 192 -6.76 -9.72 -10.38
N LEU A 193 -7.02 -9.21 -9.18
CA LEU A 193 -6.26 -9.58 -7.99
C LEU A 193 -7.19 -9.93 -6.84
N ILE A 194 -6.65 -10.75 -5.93
CA ILE A 194 -7.33 -11.17 -4.72
C ILE A 194 -6.40 -10.79 -3.56
N MET A 195 -6.71 -9.70 -2.88
CA MET A 195 -5.88 -9.18 -1.80
C MET A 195 -6.45 -9.61 -0.46
N ASN A 196 -5.57 -9.71 0.54
CA ASN A 196 -5.97 -10.12 1.88
C ASN A 196 -6.21 -8.89 2.76
N SER A 197 -7.37 -8.87 3.41
CA SER A 197 -7.69 -7.79 4.34
C SER A 197 -8.73 -8.29 5.34
N SER A 198 -8.58 -7.88 6.59
CA SER A 198 -9.57 -8.20 7.62
C SER A 198 -10.75 -7.25 7.56
N GLY A 199 -10.67 -6.23 6.71
CA GLY A 199 -11.73 -5.25 6.60
C GLY A 199 -11.86 -4.48 7.90
N THR A 200 -13.08 -4.43 8.44
CA THR A 200 -13.38 -3.70 9.67
C THR A 200 -13.75 -4.58 10.84
N THR A 201 -14.20 -5.79 10.55
CA THR A 201 -14.46 -6.76 11.59
C THR A 201 -14.27 -8.16 11.00
N GLY A 202 -13.92 -9.11 11.87
CA GLY A 202 -13.72 -10.49 11.47
C GLY A 202 -12.26 -10.84 11.24
N LEU A 203 -12.06 -12.03 10.66
CA LEU A 203 -10.74 -12.57 10.34
C LEU A 203 -10.30 -12.11 8.96
N PRO A 204 -9.14 -12.55 8.45
CA PRO A 204 -8.73 -12.11 7.12
C PRO A 204 -9.59 -12.71 6.02
N LYS A 205 -9.87 -11.88 5.01
CA LYS A 205 -10.71 -12.24 3.88
C LYS A 205 -9.98 -11.89 2.58
N GLY A 206 -10.48 -12.46 1.48
CA GLY A 206 -9.93 -12.18 0.17
C GLY A 206 -10.70 -11.10 -0.56
N VAL A 207 -10.06 -9.96 -0.79
CA VAL A 207 -10.69 -8.85 -1.50
C VAL A 207 -10.58 -9.06 -3.00
N MET A 208 -11.72 -9.10 -3.69
CA MET A 208 -11.74 -9.25 -5.13
C MET A 208 -11.71 -7.88 -5.80
N LEU A 209 -10.68 -7.62 -6.58
CA LEU A 209 -10.54 -6.38 -7.33
C LEU A 209 -10.53 -6.75 -8.80
N THR A 210 -11.40 -6.12 -9.59
CA THR A 210 -11.53 -6.42 -11.01
C THR A 210 -10.56 -5.60 -11.87
N HIS A 211 -10.49 -5.97 -13.15
CA HIS A 211 -9.66 -5.22 -14.09
C HIS A 211 -10.14 -3.79 -14.23
N LYS A 212 -11.45 -3.57 -14.11
CA LYS A 212 -11.98 -2.22 -14.18
C LYS A 212 -11.37 -1.35 -13.08
N ASN A 213 -11.33 -1.88 -11.86
CA ASN A 213 -10.75 -1.13 -10.74
C ASN A 213 -9.29 -0.76 -11.06
N LEU A 214 -8.57 -1.68 -11.70
CA LEU A 214 -7.17 -1.42 -12.01
C LEU A 214 -7.03 -0.37 -13.09
N VAL A 215 -7.83 -0.44 -14.16
CA VAL A 215 -7.68 0.57 -15.20
C VAL A 215 -8.06 1.93 -14.64
N VAL A 216 -8.94 1.95 -13.63
CA VAL A 216 -9.26 3.24 -13.01
C VAL A 216 -8.01 3.76 -12.31
N ARG A 217 -7.32 2.89 -11.57
CA ARG A 217 -6.07 3.31 -10.95
C ARG A 217 -5.06 3.75 -11.98
N PHE A 218 -5.06 3.09 -13.16
CA PHE A 218 -4.12 3.45 -14.21
C PHE A 218 -4.45 4.84 -14.73
N SER A 219 -5.73 5.20 -14.74
CA SER A 219 -6.10 6.56 -15.14
C SER A 219 -5.55 7.54 -14.12
N HIS A 220 -5.88 7.31 -12.84
CA HIS A 220 -5.38 8.13 -11.74
C HIS A 220 -3.87 8.39 -11.82
N CYS A 221 -3.07 7.32 -11.88
CA CYS A 221 -1.61 7.48 -11.79
C CYS A 221 -0.99 8.22 -12.96
N ARG A 222 -1.73 8.43 -14.05
CA ARG A 222 -1.20 9.17 -15.20
C ARG A 222 -1.89 10.50 -15.36
N ASP A 223 -2.82 10.82 -14.49
CA ASP A 223 -3.56 12.08 -14.55
C ASP A 223 -2.63 13.25 -14.20
N PRO A 224 -2.48 14.25 -15.07
CA PRO A 224 -1.62 15.40 -14.76
C PRO A 224 -1.92 16.05 -13.42
N ILE A 225 -3.14 15.89 -12.91
CA ILE A 225 -3.52 16.49 -11.63
C ILE A 225 -3.35 15.52 -10.47
N PHE A 226 -3.85 14.29 -10.62
CA PHE A 226 -3.82 13.31 -9.54
C PHE A 226 -2.72 12.27 -9.67
N GLY A 227 -1.96 12.26 -10.76
CA GLY A 227 -0.92 11.27 -10.96
C GLY A 227 0.43 11.72 -10.44
N ASN A 228 1.38 10.78 -10.48
CA ASN A 228 2.75 11.07 -10.08
C ASN A 228 3.27 12.25 -10.89
N GLN A 229 4.06 13.10 -10.26
CA GLN A 229 4.57 14.31 -10.91
C GLN A 229 6.03 14.20 -11.30
N ILE A 230 6.36 13.07 -11.92
CA ILE A 230 7.68 12.82 -12.49
C ILE A 230 7.43 12.31 -13.90
N ILE A 231 8.36 12.58 -14.81
CA ILE A 231 8.18 12.21 -16.21
C ILE A 231 8.65 10.78 -16.48
N PRO A 232 8.16 10.16 -17.55
CA PRO A 232 8.59 8.79 -17.88
C PRO A 232 10.11 8.67 -17.91
N GLY A 233 10.61 7.59 -17.32
CA GLY A 233 12.03 7.35 -17.24
C GLY A 233 12.65 7.78 -15.93
N THR A 234 11.92 8.57 -15.15
CA THR A 234 12.43 9.03 -13.86
C THR A 234 12.52 7.85 -12.89
N ALA A 235 13.45 7.95 -11.96
CA ALA A 235 13.66 6.91 -10.96
C ALA A 235 12.80 7.18 -9.75
N ILE A 236 12.12 6.13 -9.26
CA ILE A 236 11.23 6.21 -8.11
C ILE A 236 11.56 5.05 -7.19
N LEU A 237 11.69 5.33 -5.90
CA LEU A 237 12.05 4.30 -4.93
C LEU A 237 10.87 4.01 -4.01
N THR A 238 10.50 2.73 -3.93
CA THR A 238 9.41 2.29 -3.08
C THR A 238 9.89 1.24 -2.10
N VAL A 239 9.47 1.39 -0.84
CA VAL A 239 9.78 0.46 0.24
C VAL A 239 8.57 -0.37 0.63
N ILE A 240 7.42 -0.11 0.01
CA ILE A 240 6.16 -0.77 0.32
C ILE A 240 6.15 -2.19 -0.22
N PRO A 241 5.60 -3.16 0.50
CA PRO A 241 5.60 -4.54 0.00
C PRO A 241 4.62 -4.72 -1.16
N PHE A 242 5.10 -5.39 -2.20
CA PHE A 242 4.29 -5.61 -3.40
C PHE A 242 3.04 -6.43 -3.10
N HIS A 243 3.08 -7.30 -2.09
CA HIS A 243 1.93 -8.16 -1.81
C HIS A 243 0.75 -7.41 -1.18
N HIS A 244 0.95 -6.17 -0.75
CA HIS A 244 -0.12 -5.36 -0.20
C HIS A 244 -0.61 -4.43 -1.30
N GLY A 245 -1.88 -4.01 -1.21
CA GLY A 245 -2.44 -3.16 -2.25
C GLY A 245 -1.73 -1.82 -2.35
N PHE A 246 -1.22 -1.32 -1.22
CA PHE A 246 -0.46 -0.08 -1.19
C PHE A 246 0.74 -0.16 -2.13
N GLY A 247 1.46 -1.27 -2.11
CA GLY A 247 2.60 -1.47 -3.00
C GLY A 247 2.20 -1.97 -4.37
N MET A 248 1.24 -2.90 -4.39
CA MET A 248 0.78 -3.52 -5.63
C MET A 248 0.26 -2.51 -6.63
N PHE A 249 -0.62 -1.61 -6.20
CA PHE A 249 -1.27 -0.73 -7.15
C PHE A 249 -0.52 0.57 -7.36
N THR A 250 0.52 0.84 -6.57
CA THR A 250 1.40 1.97 -6.85
C THR A 250 2.42 1.52 -7.89
N THR A 251 3.00 0.33 -7.67
CA THR A 251 4.02 -0.17 -8.57
C THR A 251 3.43 -0.52 -9.93
N LEU A 252 2.26 -1.18 -9.96
CA LEU A 252 1.67 -1.52 -11.25
C LEU A 252 1.43 -0.26 -12.08
N GLY A 253 1.01 0.83 -11.43
CA GLY A 253 0.82 2.07 -12.15
C GLY A 253 2.15 2.62 -12.63
N TYR A 254 3.20 2.43 -11.81
CA TYR A 254 4.50 2.91 -12.22
C TYR A 254 4.89 2.29 -13.56
N PHE A 255 4.52 1.03 -13.79
CA PHE A 255 4.88 0.48 -15.10
C PHE A 255 4.20 1.26 -16.21
N THR A 256 2.93 1.62 -16.01
CA THR A 256 2.21 2.37 -17.04
C THR A 256 2.79 3.76 -17.23
N CYS A 257 3.59 4.25 -16.28
CA CYS A 257 4.20 5.56 -16.42
C CYS A 257 5.62 5.49 -16.99
N GLY A 258 6.20 4.30 -17.09
CA GLY A 258 7.53 4.14 -17.66
C GLY A 258 8.65 4.54 -16.73
N PHE A 259 8.43 4.46 -15.43
CA PHE A 259 9.43 4.83 -14.43
C PHE A 259 10.42 3.70 -14.19
N ARG A 260 11.57 4.06 -13.65
CA ARG A 260 12.59 3.09 -13.25
C ARG A 260 12.27 2.85 -11.77
N ILE A 261 11.76 1.66 -11.47
CA ILE A 261 11.33 1.33 -10.12
C ILE A 261 12.47 0.72 -9.33
N VAL A 262 12.98 1.46 -8.36
CA VAL A 262 14.04 0.98 -7.48
C VAL A 262 13.33 0.40 -6.27
N LEU A 263 13.55 -0.89 -6.01
CA LEU A 263 12.89 -1.58 -4.92
C LEU A 263 13.87 -2.11 -3.88
N MET A 264 13.35 -2.28 -2.66
CA MET A 264 14.07 -2.87 -1.55
C MET A 264 13.18 -3.92 -0.91
N HIS A 265 13.76 -5.03 -0.47
CA HIS A 265 13.00 -6.05 0.24
C HIS A 265 13.07 -5.87 1.74
N ARG A 266 13.67 -4.78 2.20
CA ARG A 266 13.90 -4.50 3.61
C ARG A 266 14.52 -3.11 3.74
N PHE A 267 13.85 -2.23 4.46
CA PHE A 267 14.36 -0.91 4.66
C PHE A 267 15.64 -0.87 5.55
N GLU A 268 16.69 -0.28 5.01
CA GLU A 268 17.95 -0.01 5.67
C GLU A 268 18.24 1.45 5.37
N GLU A 269 18.48 2.24 6.41
CA GLU A 269 18.63 3.69 6.26
C GLU A 269 19.75 4.07 5.30
N GLU A 270 20.90 3.42 5.40
CA GLU A 270 22.03 3.81 4.56
C GLU A 270 21.81 3.38 3.11
N LEU A 271 21.37 2.15 2.88
CA LEU A 271 21.14 1.72 1.51
C LEU A 271 20.04 2.56 0.89
N PHE A 272 19.00 2.87 1.66
CA PHE A 272 17.90 3.72 1.19
C PHE A 272 18.41 5.08 0.70
N LEU A 273 19.16 5.79 1.55
CA LEU A 273 19.62 7.12 1.14
C LEU A 273 20.65 7.04 0.01
N LYS A 274 21.53 6.05 0.06
CA LYS A 274 22.53 5.90 -0.98
C LYS A 274 21.87 5.58 -2.31
N SER A 275 20.78 4.81 -2.28
CA SER A 275 20.06 4.47 -3.50
C SER A 275 19.35 5.70 -4.05
N LEU A 276 18.81 6.54 -3.17
CA LEU A 276 18.16 7.75 -3.66
C LEU A 276 19.16 8.64 -4.37
N GLN A 277 20.34 8.84 -3.78
CA GLN A 277 21.33 9.70 -4.44
C GLN A 277 21.86 9.06 -5.73
N ASP A 278 22.36 7.83 -5.64
CA ASP A 278 23.00 7.19 -6.80
C ASP A 278 22.09 7.06 -8.01
N TYR A 279 20.80 6.83 -7.82
CA TYR A 279 19.89 6.71 -8.96
C TYR A 279 19.16 8.00 -9.27
N LYS A 280 19.54 9.11 -8.62
CA LYS A 280 18.94 10.41 -8.85
C LYS A 280 17.42 10.30 -8.76
N VAL A 281 16.97 9.63 -7.70
CA VAL A 281 15.55 9.40 -7.49
C VAL A 281 14.84 10.73 -7.24
N GLN A 282 13.72 10.93 -7.94
CA GLN A 282 12.93 12.14 -7.80
C GLN A 282 11.63 11.90 -7.05
N SER A 283 11.24 10.65 -6.85
CA SER A 283 10.01 10.31 -6.15
C SER A 283 10.25 9.11 -5.23
N THR A 284 9.65 9.15 -4.04
CA THR A 284 9.78 8.05 -3.09
C THR A 284 8.45 7.83 -2.37
N LEU A 285 8.14 6.55 -2.13
CA LEU A 285 6.90 6.17 -1.47
C LEU A 285 7.25 5.56 -0.11
N LEU A 286 6.78 6.18 0.97
CA LEU A 286 7.13 5.69 2.31
C LEU A 286 5.91 5.69 3.23
N VAL A 287 6.19 5.46 4.51
CA VAL A 287 5.20 5.43 5.58
C VAL A 287 5.58 6.49 6.60
N PRO A 288 4.64 6.90 7.45
CA PRO A 288 4.92 7.99 8.41
C PRO A 288 6.23 7.87 9.19
N THR A 289 6.58 6.67 9.67
CA THR A 289 7.83 6.52 10.40
C THR A 289 9.01 7.01 9.57
N LEU A 290 8.95 6.76 8.27
CA LEU A 290 10.05 7.15 7.43
C LEU A 290 9.99 8.63 7.12
N MET A 291 8.80 9.21 7.15
CA MET A 291 8.68 10.65 6.99
C MET A 291 9.36 11.33 8.17
N ALA A 292 9.21 10.74 9.37
CA ALA A 292 9.88 11.29 10.54
C ALA A 292 11.38 11.13 10.39
N PHE A 293 11.83 10.00 9.82
CA PHE A 293 13.25 9.80 9.58
C PHE A 293 13.80 10.91 8.67
N PHE A 294 13.08 11.21 7.59
CA PHE A 294 13.49 12.26 6.67
C PHE A 294 13.46 13.63 7.31
N ALA A 295 12.53 13.86 8.24
CA ALA A 295 12.43 15.14 8.91
C ALA A 295 13.51 15.37 9.96
N LYS A 296 13.96 14.31 10.65
CA LYS A 296 14.83 14.46 11.81
C LYS A 296 16.19 13.79 11.76
N SER A 297 16.38 12.76 10.96
CA SER A 297 17.67 12.06 10.98
C SER A 297 18.81 12.92 10.42
N PRO A 298 19.93 13.03 11.13
CA PRO A 298 21.06 13.80 10.57
C PRO A 298 21.71 13.12 9.39
N LEU A 299 21.52 11.80 9.24
CA LEU A 299 22.13 11.06 8.15
C LEU A 299 21.67 11.58 6.80
N VAL A 300 20.51 12.24 6.77
CA VAL A 300 19.98 12.80 5.52
C VAL A 300 20.96 13.80 4.94
N ASP A 301 21.71 14.50 5.80
CA ASP A 301 22.65 15.50 5.31
C ASP A 301 23.90 14.90 4.69
N LYS A 302 24.16 13.61 4.92
CA LYS A 302 25.36 12.98 4.39
C LYS A 302 25.24 12.58 2.92
N TYR A 303 24.04 12.64 2.34
CA TYR A 303 23.83 12.20 0.97
C TYR A 303 23.28 13.32 0.10
N ASP A 304 23.54 13.21 -1.20
CA ASP A 304 23.07 14.18 -2.19
C ASP A 304 21.65 13.77 -2.59
N LEU A 305 20.66 14.46 -2.04
CA LEU A 305 19.25 14.19 -2.33
C LEU A 305 18.60 15.35 -3.06
N SER A 306 19.39 16.17 -3.75
CA SER A 306 18.86 17.32 -4.46
C SER A 306 17.86 16.94 -5.54
N ASN A 307 17.94 15.72 -6.07
CA ASN A 307 17.00 15.30 -7.11
C ASN A 307 15.63 14.95 -6.56
N LEU A 308 15.54 14.61 -5.28
CA LEU A 308 14.28 14.21 -4.67
C LEU A 308 13.34 15.41 -4.52
N LYS A 309 12.15 15.30 -5.11
CA LYS A 309 11.15 16.37 -5.03
C LYS A 309 9.73 15.88 -4.78
N GLU A 310 9.41 14.61 -5.05
CA GLU A 310 8.07 14.07 -4.80
C GLU A 310 8.18 13.04 -3.67
N ILE A 311 7.83 13.45 -2.46
CA ILE A 311 7.92 12.60 -1.28
C ILE A 311 6.49 12.26 -0.87
N ALA A 312 6.13 10.99 -0.95
CA ALA A 312 4.78 10.52 -0.70
C ALA A 312 4.72 9.61 0.52
N SER A 313 3.60 9.70 1.24
CA SER A 313 3.35 8.88 2.42
C SER A 313 1.94 8.31 2.36
N GLY A 314 1.77 7.12 2.92
CA GLY A 314 0.48 6.47 2.97
C GLY A 314 0.50 5.36 3.99
N GLY A 315 -0.62 4.65 4.06
CA GLY A 315 -0.76 3.50 4.93
C GLY A 315 -1.26 3.81 6.32
N ALA A 316 -0.97 5.00 6.85
CA ALA A 316 -1.38 5.34 8.20
C ALA A 316 -1.42 6.86 8.33
N PRO A 317 -2.06 7.38 9.37
CA PRO A 317 -2.10 8.83 9.59
C PRO A 317 -0.70 9.45 9.62
N LEU A 318 -0.54 10.56 8.90
CA LEU A 318 0.71 11.30 8.88
C LEU A 318 0.53 12.61 9.64
N SER A 319 1.42 12.85 10.61
CA SER A 319 1.38 14.09 11.37
C SER A 319 1.59 15.30 10.47
N LYS A 320 0.71 16.28 10.61
CA LYS A 320 0.83 17.54 9.86
C LYS A 320 2.22 18.13 9.98
N GLU A 321 2.70 18.28 11.22
CA GLU A 321 4.00 18.89 11.46
C GLU A 321 5.13 18.08 10.83
N VAL A 322 5.05 16.76 10.84
CA VAL A 322 6.10 15.96 10.20
C VAL A 322 6.16 16.28 8.71
N GLY A 323 4.99 16.33 8.07
CA GLY A 323 4.96 16.64 6.65
C GLY A 323 5.57 18.00 6.37
N GLU A 324 5.21 18.99 7.18
CA GLU A 324 5.77 20.33 7.00
C GLU A 324 7.28 20.31 7.19
N ALA A 325 7.77 19.56 8.19
CA ALA A 325 9.19 19.48 8.44
C ALA A 325 9.92 18.88 7.26
N VAL A 326 9.34 17.85 6.64
CA VAL A 326 9.98 17.22 5.50
C VAL A 326 10.02 18.20 4.32
N ALA A 327 8.86 18.77 3.97
CA ALA A 327 8.82 19.75 2.89
C ALA A 327 9.84 20.86 3.10
N LYS A 328 9.91 21.39 4.32
CA LYS A 328 10.84 22.47 4.63
C LYS A 328 12.28 22.03 4.47
N ARG A 329 12.63 20.88 5.02
CA ARG A 329 14.02 20.42 4.97
C ARG A 329 14.48 20.21 3.53
N PHE A 330 13.62 19.67 2.68
CA PHE A 330 13.97 19.43 1.29
C PHE A 330 13.60 20.61 0.39
N LYS A 331 13.22 21.74 0.98
CA LYS A 331 12.84 22.94 0.23
C LYS A 331 11.82 22.61 -0.87
N LEU A 332 10.71 22.01 -0.44
CA LEU A 332 9.66 21.63 -1.37
C LEU A 332 8.37 22.37 -1.03
N PRO A 333 7.54 22.67 -2.03
CA PRO A 333 6.26 23.32 -1.72
C PRO A 333 5.39 22.50 -0.78
N GLY A 334 5.55 21.19 -0.79
CA GLY A 334 4.77 20.32 0.08
C GLY A 334 5.05 18.87 -0.26
N ILE A 335 4.36 18.00 0.47
CA ILE A 335 4.52 16.56 0.29
C ILE A 335 3.27 15.97 -0.36
N ARG A 336 3.39 14.72 -0.80
CA ARG A 336 2.32 13.95 -1.41
C ARG A 336 1.72 12.97 -0.41
N GLN A 337 0.44 12.65 -0.60
CA GLN A 337 -0.23 11.67 0.25
C GLN A 337 -1.43 11.08 -0.48
N GLY A 338 -1.74 9.86 -0.10
CA GLY A 338 -2.90 9.16 -0.61
C GLY A 338 -3.51 8.38 0.53
N TYR A 339 -4.81 8.19 0.46
CA TYR A 339 -5.55 7.45 1.49
C TYR A 339 -6.45 6.44 0.79
N GLY A 340 -6.37 5.20 1.24
CA GLY A 340 -7.20 4.16 0.67
C GLY A 340 -7.20 2.93 1.57
N LEU A 341 -8.01 1.96 1.16
CA LEU A 341 -8.13 0.68 1.82
C LEU A 341 -7.94 -0.42 0.78
N THR A 342 -7.69 -1.63 1.26
CA THR A 342 -7.54 -2.75 0.32
C THR A 342 -8.82 -2.89 -0.50
N GLU A 343 -9.96 -2.64 0.13
CA GLU A 343 -11.25 -2.77 -0.52
C GLU A 343 -11.54 -1.66 -1.54
N THR A 344 -10.75 -0.60 -1.57
CA THR A 344 -10.91 0.46 -2.57
C THR A 344 -9.78 0.40 -3.61
N THR A 345 -9.11 -0.74 -3.69
CA THR A 345 -7.99 -1.03 -4.58
C THR A 345 -6.76 -0.18 -4.32
N SER A 346 -6.91 1.14 -4.44
CA SER A 346 -5.79 2.07 -4.24
C SER A 346 -6.29 3.25 -3.42
N ALA A 347 -5.52 4.34 -3.47
CA ALA A 347 -5.88 5.55 -2.76
C ALA A 347 -7.06 6.23 -3.44
N ILE A 348 -8.04 6.61 -2.65
CA ILE A 348 -9.22 7.31 -3.10
C ILE A 348 -9.20 8.83 -2.74
N ILE A 349 -8.34 9.23 -1.88
CA ILE A 349 -8.13 10.63 -1.57
C ILE A 349 -6.64 10.89 -1.80
N ILE A 350 -6.32 11.79 -2.74
CA ILE A 350 -4.93 12.07 -3.09
C ILE A 350 -4.73 13.59 -3.13
N THR A 351 -3.53 14.01 -2.75
CA THR A 351 -3.14 15.41 -2.80
C THR A 351 -2.99 15.80 -4.27
N PRO A 352 -3.85 16.65 -4.84
CA PRO A 352 -3.72 16.99 -6.25
C PRO A 352 -2.59 17.98 -6.52
N GLU A 353 -2.18 18.02 -7.80
CA GLU A 353 -1.15 18.96 -8.22
C GLU A 353 -1.60 20.39 -8.01
N GLY A 354 -0.75 21.20 -7.39
CA GLY A 354 -1.06 22.60 -7.16
C GLY A 354 -1.98 22.87 -6.00
N ASP A 355 -2.41 21.84 -5.27
CA ASP A 355 -3.37 22.02 -4.17
C ASP A 355 -2.91 21.20 -2.96
N VAL A 356 -2.06 21.81 -2.14
CA VAL A 356 -1.59 21.19 -0.90
C VAL A 356 -2.27 21.90 0.26
N LYS A 357 -2.48 21.14 1.34
CA LYS A 357 -3.07 21.68 2.57
C LYS A 357 -2.43 20.87 3.69
N PRO A 358 -1.46 21.43 4.41
CA PRO A 358 -0.78 20.65 5.46
C PRO A 358 -1.76 19.98 6.41
N GLY A 359 -1.59 18.67 6.58
CA GLY A 359 -2.44 17.87 7.43
C GLY A 359 -3.45 17.06 6.66
N SER A 360 -3.85 17.54 5.49
CA SER A 360 -4.84 16.87 4.65
C SER A 360 -4.19 15.86 3.73
N THR A 361 -4.83 14.69 3.61
CA THR A 361 -4.33 13.66 2.71
C THR A 361 -4.76 13.89 1.27
N GLY A 362 -5.41 15.04 0.99
CA GLY A 362 -5.76 15.43 -0.36
C GLY A 362 -7.27 15.54 -0.58
N LYS A 363 -7.68 15.28 -1.82
CA LYS A 363 -9.06 15.38 -2.25
C LYS A 363 -9.52 14.09 -2.92
N VAL A 364 -10.84 13.95 -3.06
CA VAL A 364 -11.42 12.75 -3.67
C VAL A 364 -10.93 12.63 -5.10
N VAL A 365 -10.48 11.44 -5.47
CA VAL A 365 -9.95 11.17 -6.81
C VAL A 365 -11.05 11.09 -7.85
N PRO A 366 -10.73 11.23 -9.14
CA PRO A 366 -11.73 11.06 -10.18
C PRO A 366 -12.43 9.71 -10.06
N PHE A 367 -13.69 9.70 -10.48
CA PHE A 367 -14.59 8.55 -10.50
C PHE A 367 -15.08 8.17 -9.11
N PHE A 368 -14.86 9.00 -8.09
CA PHE A 368 -15.26 8.66 -6.74
C PHE A 368 -16.03 9.78 -6.06
N SER A 369 -16.87 9.36 -5.11
CA SER A 369 -17.62 10.24 -4.24
C SER A 369 -17.33 9.79 -2.82
N ALA A 370 -17.47 10.72 -1.87
CA ALA A 370 -17.21 10.43 -0.47
C ALA A 370 -18.21 11.17 0.40
N LYS A 371 -18.45 10.64 1.60
CA LYS A 371 -19.32 11.32 2.54
C LYS A 371 -18.86 11.03 3.96
N VAL A 372 -19.26 11.89 4.89
CA VAL A 372 -18.94 11.75 6.30
C VAL A 372 -20.26 11.55 7.01
N VAL A 373 -20.39 10.45 7.75
CA VAL A 373 -21.66 10.13 8.40
C VAL A 373 -21.50 10.15 9.91
N ASP A 374 -22.52 10.67 10.60
CA ASP A 374 -22.50 10.73 12.05
C ASP A 374 -22.44 9.32 12.62
N LEU A 375 -21.55 9.12 13.60
CA LEU A 375 -21.35 7.81 14.20
C LEU A 375 -22.57 7.34 15.00
N ASP A 376 -23.55 8.21 15.22
CA ASP A 376 -24.74 7.87 15.98
C ASP A 376 -25.98 7.78 15.10
N THR A 377 -26.38 8.91 14.50
CA THR A 377 -27.59 8.96 13.68
C THR A 377 -27.41 8.39 12.28
N GLY A 378 -26.18 8.24 11.79
CA GLY A 378 -25.96 7.71 10.46
C GLY A 378 -26.13 8.73 9.36
N LYS A 379 -26.64 9.89 9.71
CA LYS A 379 -26.88 10.99 8.79
C LYS A 379 -25.59 11.57 8.22
N THR A 380 -25.62 12.16 7.03
CA THR A 380 -24.46 12.80 6.45
C THR A 380 -24.12 14.09 7.20
N LEU A 381 -22.83 14.45 7.17
CA LEU A 381 -22.34 15.63 7.85
C LEU A 381 -21.71 16.61 6.87
N GLY A 382 -21.64 17.87 7.30
CA GLY A 382 -21.05 18.92 6.50
C GLY A 382 -19.58 19.10 6.80
N PRO A 383 -19.01 20.19 6.30
CA PRO A 383 -17.57 20.43 6.51
C PRO A 383 -17.19 20.57 7.96
N ASN A 384 -15.98 20.08 8.28
CA ASN A 384 -15.38 20.20 9.61
C ASN A 384 -16.19 19.48 10.70
N GLN A 385 -16.86 18.39 10.31
CA GLN A 385 -17.61 17.54 11.24
C GLN A 385 -17.00 16.15 11.18
N ARG A 386 -16.48 15.69 12.31
CA ARG A 386 -15.90 14.35 12.35
C ARG A 386 -16.98 13.29 12.32
N GLY A 387 -16.78 12.29 11.47
CA GLY A 387 -17.69 11.17 11.33
C GLY A 387 -16.96 10.05 10.64
N GLU A 388 -17.70 8.98 10.36
CA GLU A 388 -17.13 7.85 9.66
C GLU A 388 -17.09 8.15 8.17
N LEU A 389 -15.90 8.03 7.58
CA LEU A 389 -15.70 8.27 6.16
C LEU A 389 -16.25 7.10 5.36
N CYS A 390 -17.12 7.40 4.40
CA CYS A 390 -17.72 6.39 3.54
C CYS A 390 -17.37 6.74 2.10
N PHE A 391 -17.20 5.77 1.26
CA PHE A 391 -16.86 6.00 -0.11
C PHE A 391 -17.69 5.23 -1.13
N LYS A 392 -17.71 5.73 -2.37
CA LYS A 392 -18.41 5.06 -3.46
C LYS A 392 -17.73 5.42 -4.77
N GLY A 393 -17.46 4.41 -5.61
CA GLY A 393 -16.79 4.68 -6.87
C GLY A 393 -16.37 3.41 -7.57
N ASP A 394 -15.62 3.60 -8.67
CA ASP A 394 -15.26 2.54 -9.61
C ASP A 394 -14.05 1.70 -9.19
N MET A 395 -13.42 1.96 -8.05
CA MET A 395 -12.33 1.12 -7.57
C MET A 395 -12.77 0.28 -6.38
N ILE A 396 -14.04 0.37 -6.01
CA ILE A 396 -14.57 -0.42 -4.91
C ILE A 396 -14.55 -1.88 -5.33
N MET A 397 -14.20 -2.75 -4.40
CA MET A 397 -14.06 -4.17 -4.68
C MET A 397 -15.39 -4.79 -5.12
N LYS A 398 -15.27 -5.91 -5.82
CA LYS A 398 -16.45 -6.68 -6.22
C LYS A 398 -17.09 -7.33 -5.00
N GLY A 399 -16.28 -7.59 -3.98
CA GLY A 399 -16.73 -8.20 -2.74
C GLY A 399 -15.66 -9.12 -2.18
N TYR A 400 -15.95 -9.74 -1.04
CA TYR A 400 -15.02 -10.72 -0.47
C TYR A 400 -15.27 -12.07 -1.12
N VAL A 401 -14.19 -12.83 -1.29
CA VAL A 401 -14.31 -14.14 -1.95
C VAL A 401 -15.17 -15.08 -1.12
N ASN A 402 -16.20 -15.64 -1.75
CA ASN A 402 -17.10 -16.60 -1.12
C ASN A 402 -17.56 -16.14 0.26
N ASN A 403 -17.88 -14.86 0.38
CA ASN A 403 -18.33 -14.29 1.65
C ASN A 403 -19.23 -13.09 1.38
N PRO A 404 -20.47 -13.33 0.93
CA PRO A 404 -21.37 -12.20 0.67
C PRO A 404 -21.74 -11.44 1.93
N GLU A 405 -21.83 -12.14 3.07
CA GLU A 405 -22.19 -11.50 4.33
C GLU A 405 -21.23 -10.38 4.68
N ALA A 406 -19.93 -10.68 4.76
CA ALA A 406 -18.97 -9.65 5.13
C ALA A 406 -19.00 -8.49 4.15
N THR A 407 -19.25 -8.79 2.88
CA THR A 407 -19.33 -7.72 1.88
C THR A 407 -20.51 -6.82 2.20
N LYS A 408 -21.65 -7.40 2.57
CA LYS A 408 -22.80 -6.59 2.91
C LYS A 408 -22.57 -5.87 4.23
N GLU A 409 -21.62 -6.35 5.04
CA GLU A 409 -21.34 -5.73 6.32
C GLU A 409 -20.43 -4.53 6.17
N ILE A 410 -19.69 -4.41 5.06
CA ILE A 410 -18.85 -3.25 4.85
C ILE A 410 -19.42 -2.33 3.76
N ILE A 411 -20.08 -2.88 2.74
CA ILE A 411 -20.73 -2.11 1.68
C ILE A 411 -22.23 -2.13 1.99
N ASP A 412 -22.81 -0.98 2.32
CA ASP A 412 -24.22 -0.95 2.71
C ASP A 412 -25.13 -1.12 1.48
N LYS A 413 -26.43 -1.17 1.76
CA LYS A 413 -27.46 -1.40 0.75
C LYS A 413 -27.41 -0.44 -0.43
N ASP A 414 -26.84 0.75 -0.26
CA ASP A 414 -26.84 1.74 -1.34
C ASP A 414 -25.58 1.73 -2.19
N GLY A 415 -24.47 1.19 -1.69
CA GLY A 415 -23.25 1.13 -2.45
C GLY A 415 -22.13 1.92 -1.80
N TRP A 416 -22.36 2.37 -0.57
CA TRP A 416 -21.37 3.12 0.18
C TRP A 416 -20.51 2.16 1.01
N LEU A 417 -19.21 2.30 0.88
CA LEU A 417 -18.26 1.51 1.64
C LEU A 417 -17.92 2.26 2.94
N HIS A 418 -18.27 1.66 4.08
CA HIS A 418 -17.96 2.25 5.37
C HIS A 418 -16.51 1.89 5.70
N SER A 419 -15.62 2.87 5.55
CA SER A 419 -14.19 2.62 5.74
C SER A 419 -13.86 2.24 7.18
N GLY A 420 -14.61 2.74 8.15
CA GLY A 420 -14.31 2.49 9.54
C GLY A 420 -13.30 3.46 10.13
N ASP A 421 -12.95 4.52 9.39
CA ASP A 421 -12.03 5.55 9.83
C ASP A 421 -12.79 6.83 10.14
N ILE A 422 -12.27 7.57 11.12
CA ILE A 422 -12.82 8.86 11.50
C ILE A 422 -11.98 9.94 10.84
N GLY A 423 -12.67 10.93 10.26
CA GLY A 423 -12.05 12.06 9.59
C GLY A 423 -13.09 13.12 9.27
N TYR A 424 -12.64 14.16 8.56
CA TYR A 424 -13.52 15.25 8.15
C TYR A 424 -12.95 15.90 6.90
N TYR A 425 -13.73 16.83 6.33
CA TYR A 425 -13.30 17.60 5.17
C TYR A 425 -13.58 19.07 5.43
N ASP A 426 -12.64 19.94 5.03
CA ASP A 426 -12.78 21.37 5.23
C ASP A 426 -13.72 21.96 4.17
N GLU A 427 -13.73 23.29 4.07
CA GLU A 427 -14.63 23.97 3.14
C GLU A 427 -14.15 23.94 1.70
N ASP A 428 -12.88 23.62 1.46
CA ASP A 428 -12.34 23.53 0.11
C ASP A 428 -12.38 22.11 -0.43
N GLY A 429 -12.76 21.14 0.39
CA GLY A 429 -12.85 19.74 0.01
C GLY A 429 -11.65 18.92 0.40
N HIS A 430 -10.75 19.46 1.22
CA HIS A 430 -9.58 18.71 1.67
C HIS A 430 -10.02 17.78 2.79
N PHE A 431 -9.66 16.51 2.71
CA PHE A 431 -10.04 15.57 3.75
C PHE A 431 -8.92 15.41 4.76
N PHE A 432 -9.31 15.11 6.00
CA PHE A 432 -8.37 14.93 7.10
C PHE A 432 -8.74 13.64 7.79
N ILE A 433 -7.78 12.72 7.90
CA ILE A 433 -8.02 11.45 8.58
C ILE A 433 -7.64 11.64 10.04
N VAL A 434 -8.59 11.39 10.94
CA VAL A 434 -8.32 11.54 12.35
C VAL A 434 -7.70 10.26 12.88
N ASP A 435 -8.38 9.12 12.67
CA ASP A 435 -7.82 7.86 13.13
C ASP A 435 -8.81 6.73 12.92
N ARG A 436 -8.38 5.48 13.08
CA ARG A 436 -9.32 4.37 12.90
C ARG A 436 -10.22 4.31 14.13
N LEU A 437 -11.49 3.97 13.91
CA LEU A 437 -12.44 3.90 15.01
C LEU A 437 -12.02 2.88 16.07
N LYS A 438 -11.53 1.71 15.64
CA LYS A 438 -11.12 0.70 16.61
C LYS A 438 -9.90 1.13 17.42
N SER A 439 -9.12 2.09 16.91
CA SER A 439 -7.94 2.57 17.61
C SER A 439 -8.25 3.58 18.71
N LEU A 440 -9.44 4.18 18.69
CA LEU A 440 -9.80 5.19 19.68
C LEU A 440 -9.73 4.64 21.11
N ILE A 441 -9.09 5.41 21.99
CA ILE A 441 -8.94 5.05 23.39
C ILE A 441 -10.20 5.46 24.13
N LYS A 442 -10.76 4.53 24.91
CA LYS A 442 -11.99 4.75 25.68
C LYS A 442 -11.62 5.10 27.12
N TYR A 443 -11.36 6.39 27.36
CA TYR A 443 -11.03 6.89 28.68
C TYR A 443 -12.30 7.49 29.27
N LYS A 444 -12.86 6.83 30.28
CA LYS A 444 -14.16 7.14 30.85
C LYS A 444 -15.14 7.34 29.68
N GLY A 445 -15.95 8.38 29.65
CA GLY A 445 -16.84 8.56 28.51
C GLY A 445 -16.28 9.27 27.29
N TYR A 446 -14.96 9.36 27.26
CA TYR A 446 -14.22 9.98 26.18
C TYR A 446 -13.60 9.00 25.16
N GLN A 447 -13.39 9.47 23.97
CA GLN A 447 -12.72 8.69 22.93
C GLN A 447 -11.58 9.57 22.45
N VAL A 448 -10.34 9.20 22.80
CA VAL A 448 -9.18 9.97 22.39
C VAL A 448 -8.52 9.32 21.19
N ALA A 449 -8.14 10.12 20.20
CA ALA A 449 -7.52 9.60 19.00
C ALA A 449 -6.02 9.48 19.19
N PRO A 450 -5.44 8.27 19.13
CA PRO A 450 -3.98 8.16 19.30
C PRO A 450 -3.17 8.99 18.31
N ALA A 451 -3.64 9.13 17.06
CA ALA A 451 -2.87 9.91 16.09
C ALA A 451 -2.66 11.35 16.53
N GLU A 452 -3.60 11.92 17.29
CA GLU A 452 -3.46 13.29 17.76
C GLU A 452 -2.30 13.39 18.75
N LEU A 453 -2.27 12.50 19.73
CA LEU A 453 -1.20 12.51 20.71
C LEU A 453 0.12 12.16 20.06
N GLU A 454 0.09 11.23 19.10
CA GLU A 454 1.30 10.85 18.39
C GLU A 454 1.87 12.04 17.63
N SER A 455 1.00 12.85 17.02
CA SER A 455 1.48 14.04 16.33
C SER A 455 2.13 15.00 17.32
N ILE A 456 1.55 15.12 18.52
CA ILE A 456 2.14 15.98 19.53
C ILE A 456 3.53 15.45 19.89
N LEU A 457 3.62 14.16 20.20
CA LEU A 457 4.89 13.55 20.57
C LEU A 457 5.93 13.76 19.47
N LEU A 458 5.50 13.69 18.21
CA LEU A 458 6.42 13.83 17.10
C LEU A 458 6.83 15.27 16.87
N GLN A 459 6.16 16.23 17.51
CA GLN A 459 6.62 17.61 17.41
C GLN A 459 7.90 17.84 18.22
N HIS A 460 8.19 16.97 19.20
CA HIS A 460 9.36 17.13 20.05
C HIS A 460 10.64 16.80 19.28
N PRO A 461 11.66 17.68 19.31
CA PRO A 461 12.89 17.41 18.54
C PRO A 461 13.66 16.18 18.96
N SER A 462 13.41 15.64 20.16
CA SER A 462 14.14 14.48 20.66
C SER A 462 13.42 13.16 20.42
N ILE A 463 12.20 13.19 19.89
CA ILE A 463 11.43 11.98 19.63
C ILE A 463 11.38 11.75 18.12
N ILE A 464 11.76 10.54 17.71
CA ILE A 464 11.73 10.17 16.30
C ILE A 464 10.56 9.24 15.99
N ASP A 465 9.94 8.62 16.99
CA ASP A 465 8.78 7.78 16.68
C ASP A 465 7.92 7.67 17.91
N ALA A 466 6.66 7.29 17.71
CA ALA A 466 5.71 7.21 18.82
C ALA A 466 4.54 6.30 18.48
N GLY A 467 4.04 5.61 19.51
CA GLY A 467 2.88 4.74 19.41
C GLY A 467 2.04 4.94 20.65
N VAL A 468 0.75 5.25 20.49
CA VAL A 468 -0.13 5.52 21.63
C VAL A 468 -1.30 4.54 21.64
N THR A 469 -1.63 4.04 22.84
CA THR A 469 -2.81 3.18 22.98
C THR A 469 -3.32 3.32 24.41
N GLY A 470 -4.41 2.63 24.71
CA GLY A 470 -4.99 2.63 26.05
C GLY A 470 -4.59 1.39 26.84
N ILE A 471 -4.27 1.60 28.12
CA ILE A 471 -3.94 0.49 29.00
C ILE A 471 -5.14 0.20 29.90
N PRO A 472 -5.44 -1.06 30.20
CA PRO A 472 -6.59 -1.38 31.06
C PRO A 472 -6.57 -0.65 32.39
N ASP A 473 -7.76 -0.24 32.85
CA ASP A 473 -7.94 0.42 34.13
C ASP A 473 -9.36 0.10 34.62
N GLU A 474 -9.47 -0.32 35.88
CA GLU A 474 -10.77 -0.75 36.40
C GLU A 474 -11.78 0.39 36.47
N ASP A 475 -11.33 1.58 36.83
CA ASP A 475 -12.25 2.71 36.96
C ASP A 475 -12.47 3.53 35.68
N ALA A 476 -11.40 3.79 34.94
CA ALA A 476 -11.48 4.61 33.73
C ALA A 476 -11.64 3.79 32.47
N GLY A 477 -11.43 2.48 32.52
CA GLY A 477 -11.54 1.65 31.34
C GLY A 477 -10.21 1.56 30.63
N GLU A 478 -9.81 2.64 29.95
CA GLU A 478 -8.54 2.68 29.25
C GLU A 478 -7.84 4.01 29.56
N LEU A 479 -6.57 3.93 29.97
CA LEU A 479 -5.78 5.12 30.23
C LEU A 479 -4.83 5.35 29.08
N PRO A 480 -4.82 6.52 28.44
CA PRO A 480 -3.86 6.75 27.34
C PRO A 480 -2.43 6.64 27.82
N ALA A 481 -1.63 5.86 27.09
CA ALA A 481 -0.22 5.67 27.38
C ALA A 481 0.54 5.69 26.06
N ALA A 482 1.84 5.95 26.14
CA ALA A 482 2.65 6.07 24.93
C ALA A 482 4.01 5.40 25.00
N CYS A 483 4.38 4.76 23.90
CA CYS A 483 5.70 4.21 23.65
C CYS A 483 6.40 5.27 22.81
N VAL A 484 7.65 5.58 23.14
CA VAL A 484 8.38 6.65 22.46
C VAL A 484 9.78 6.21 22.06
N VAL A 485 10.12 6.41 20.78
CA VAL A 485 11.47 6.15 20.28
C VAL A 485 12.17 7.50 20.22
N LEU A 486 13.29 7.59 20.93
CA LEU A 486 14.11 8.79 21.06
C LEU A 486 15.21 8.90 20.01
N GLN A 487 15.52 10.14 19.65
CA GLN A 487 16.64 10.45 18.76
C GLN A 487 17.94 9.94 19.39
N PRO A 488 18.75 9.16 18.67
CA PRO A 488 20.03 8.73 19.25
C PRO A 488 20.84 9.91 19.75
N GLY A 489 21.35 9.81 20.97
CA GLY A 489 22.13 10.86 21.57
C GLY A 489 21.34 11.81 22.44
N LYS A 490 20.02 11.73 22.41
CA LYS A 490 19.14 12.58 23.20
C LYS A 490 18.45 11.74 24.27
N HIS A 491 17.95 12.40 25.26
CA HIS A 491 17.27 11.78 26.36
C HIS A 491 16.05 12.55 26.87
N LEU A 492 15.06 11.81 27.28
CA LEU A 492 13.86 12.40 27.87
C LEU A 492 13.33 11.50 28.97
N THR A 493 12.79 12.11 30.01
CA THR A 493 12.17 11.38 31.09
C THR A 493 10.69 11.19 30.81
N GLU A 494 10.08 10.26 31.56
CA GLU A 494 8.63 10.05 31.44
C GLU A 494 7.89 11.34 31.75
N LYS A 495 8.24 11.99 32.86
CA LYS A 495 7.57 13.22 33.26
C LYS A 495 7.68 14.29 32.18
N GLU A 496 8.85 14.40 31.54
CA GLU A 496 9.01 15.40 30.48
C GLU A 496 8.01 15.17 29.36
N VAL A 497 7.86 13.93 28.91
CA VAL A 497 6.93 13.63 27.83
C VAL A 497 5.49 13.91 28.28
N ILE A 498 5.15 13.46 29.48
CA ILE A 498 3.79 13.65 30.00
C ILE A 498 3.45 15.13 30.08
N ASP A 499 4.35 15.93 30.66
CA ASP A 499 4.09 17.35 30.79
C ASP A 499 4.07 18.03 29.42
N TYR A 500 4.93 17.58 28.51
CA TYR A 500 4.95 18.15 27.18
C TYR A 500 3.59 17.98 26.50
N VAL A 501 3.02 16.79 26.61
CA VAL A 501 1.71 16.53 26.02
C VAL A 501 0.62 17.28 26.76
N ALA A 502 0.64 17.24 28.10
CA ALA A 502 -0.39 17.89 28.90
C ALA A 502 -0.52 19.38 28.60
N SER A 503 0.58 20.06 28.33
CA SER A 503 0.53 21.49 28.06
C SER A 503 -0.19 21.82 26.77
N GLN A 504 -0.53 20.82 25.94
CA GLN A 504 -1.15 21.07 24.65
C GLN A 504 -2.53 20.44 24.47
N VAL A 505 -2.93 19.47 25.30
CA VAL A 505 -4.19 18.77 25.12
C VAL A 505 -5.09 18.94 26.33
N SER A 506 -6.38 18.72 26.09
CA SER A 506 -7.38 18.76 27.15
C SER A 506 -7.13 17.65 28.16
N SER A 507 -7.77 17.77 29.31
CA SER A 507 -7.55 16.83 30.42
C SER A 507 -7.82 15.38 30.03
N ALA A 508 -8.84 15.13 29.21
CA ALA A 508 -9.19 13.76 28.86
C ALA A 508 -8.14 13.07 28.01
N LYS A 509 -7.30 13.82 27.30
CA LYS A 509 -6.30 13.24 26.41
C LYS A 509 -4.93 13.07 27.07
N ARG A 510 -4.79 13.44 28.34
CA ARG A 510 -3.50 13.33 29.02
C ARG A 510 -3.03 11.88 29.06
N LEU A 511 -1.71 11.72 29.15
CA LEU A 511 -1.06 10.41 29.19
C LEU A 511 -1.09 9.86 30.61
N ARG A 512 -2.29 9.51 31.05
CA ARG A 512 -2.46 9.00 32.41
C ARG A 512 -1.90 7.59 32.55
N GLY A 513 -1.74 6.87 31.45
CA GLY A 513 -1.18 5.53 31.48
C GLY A 513 0.33 5.49 31.47
N GLY A 514 0.96 6.65 31.29
CA GLY A 514 2.40 6.78 31.32
C GLY A 514 3.10 6.71 29.98
N VAL A 515 4.41 6.54 30.07
CA VAL A 515 5.29 6.55 28.91
C VAL A 515 6.42 5.55 29.11
N ARG A 516 6.66 4.74 28.08
CA ARG A 516 7.76 3.78 28.06
C ARG A 516 8.60 4.06 26.82
N PHE A 517 9.91 4.14 27.01
CA PHE A 517 10.83 4.42 25.92
C PHE A 517 11.30 3.10 25.33
N VAL A 518 11.30 3.01 24.00
CA VAL A 518 11.61 1.77 23.30
C VAL A 518 12.52 2.04 22.11
N ASP A 519 13.13 0.96 21.60
CA ASP A 519 14.03 1.05 20.46
C ASP A 519 13.27 1.20 19.15
N GLU A 520 12.05 0.67 19.08
CA GLU A 520 11.24 0.81 17.87
C GLU A 520 9.77 0.68 18.25
N ILE A 521 8.92 1.24 17.40
CA ILE A 521 7.47 1.14 17.58
C ILE A 521 6.97 -0.08 16.82
N PRO A 522 6.24 -1.00 17.44
CA PRO A 522 5.73 -2.15 16.69
C PRO A 522 4.76 -1.71 15.60
N LYS A 523 5.17 -1.81 14.34
CA LYS A 523 4.32 -1.41 13.23
C LYS A 523 4.41 -2.42 12.10
N GLY A 524 3.32 -2.53 11.34
CA GLY A 524 3.25 -3.41 10.20
C GLY A 524 4.05 -2.84 9.04
N SER A 525 4.10 -3.61 7.95
CA SER A 525 4.87 -3.21 6.79
C SER A 525 4.28 -2.01 6.07
N THR A 526 3.01 -1.68 6.31
CA THR A 526 2.40 -0.52 5.68
C THR A 526 2.03 0.58 6.68
N GLY A 527 2.71 0.63 7.82
CA GLY A 527 2.50 1.67 8.79
C GLY A 527 1.49 1.40 9.88
N LYS A 528 0.83 0.23 9.86
CA LYS A 528 -0.19 -0.07 10.86
C LYS A 528 0.44 -0.28 12.22
N ILE A 529 0.08 0.56 13.18
CA ILE A 529 0.61 0.45 14.54
C ILE A 529 -0.02 -0.73 15.25
N ASP A 530 0.81 -1.60 15.83
CA ASP A 530 0.34 -2.77 16.58
C ASP A 530 -0.06 -2.30 17.97
N ARG A 531 -1.34 -2.01 18.14
CA ARG A 531 -1.83 -1.50 19.43
C ARG A 531 -1.69 -2.54 20.52
N LYS A 532 -1.90 -3.78 20.16
CA LYS A 532 -1.82 -4.86 21.09
C LYS A 532 -0.41 -5.01 21.64
N ALA A 533 0.58 -4.88 20.82
CA ALA A 533 1.97 -4.95 21.24
C ALA A 533 2.33 -3.76 22.09
N LEU A 534 1.72 -2.61 21.80
CA LEU A 534 1.95 -1.41 22.61
C LEU A 534 1.44 -1.65 24.01
N ARG A 535 0.25 -2.25 24.13
CA ARG A 535 -0.30 -2.52 25.45
C ARG A 535 0.61 -3.48 26.21
N GLN A 536 1.07 -4.54 25.54
CA GLN A 536 1.96 -5.49 26.20
C GLN A 536 3.17 -4.76 26.77
N ILE A 537 3.77 -3.88 25.95
CA ILE A 537 4.95 -3.13 26.37
C ILE A 537 4.61 -2.21 27.55
N LEU A 538 3.44 -1.59 27.52
CA LEU A 538 3.05 -0.56 28.48
C LEU A 538 2.46 -1.10 29.77
N GLN A 539 2.52 -2.43 29.94
CA GLN A 539 1.99 -3.11 31.08
C GLN A 539 3.01 -3.31 32.20
#